data_5WXP
#
_entry.id   5WXP
#
_cell.length_a   120.821
_cell.length_b   120.821
_cell.length_c   42.278
_cell.angle_alpha   90.00
_cell.angle_beta   90.00
_cell.angle_gamma   120.00
#
_symmetry.space_group_name_H-M   'H 3'
#
loop_
_entity.id
_entity.type
_entity.pdbx_description
1 polymer 'Urokinase-type plasminogen activator chain B'
2 polymer 'upain-2-3-W3A peptide'
3 non-polymer ALANINE
4 non-polymer CYSTEINE
5 water water
#
loop_
_entity_poly.entity_id
_entity_poly.type
_entity_poly.pdbx_seq_one_letter_code
_entity_poly.pdbx_strand_id
1 'polypeptide(L)'
;IIGGEFTTIENQPWFAAIYRRHRGGSVTYVCGGSLISPCWVISATHCFIDYPKKEDYIVYLGRSRLNSNTQGEMKFEVEN
LILHKDYSADTLAHHNDIALLKIRSKEGRCAQPSRTIQTIALPSMYNDPQFGTSCEITGFGKEQSTDYLYPEQLKMTVVK
LISHRECQQPHYYGSEVTTKMLCAADPQWKTDSCQGDSGGPLVCSLQGRMTLTGIVSWGRGCALKDKPGVYTRVSHFLPW
IRSHTKEENGLAL
;
U
2 'polypeptide(L)' CSA(7XC) P
#
# COMPACT_ATOMS: atom_id res chain seq x y z
N ILE A 1 11.35 -0.65 0.54
CA ILE A 1 11.66 0.78 0.79
C ILE A 1 13.14 1.09 0.62
N ILE A 2 13.43 2.04 -0.25
CA ILE A 2 14.79 2.52 -0.46
C ILE A 2 15.09 3.62 0.52
N GLY A 3 16.21 3.51 1.24
CA GLY A 3 16.54 4.49 2.25
C GLY A 3 15.59 4.31 3.42
N GLY A 4 15.36 5.39 4.14
CA GLY A 4 14.51 5.39 5.32
C GLY A 4 15.13 4.58 6.44
N GLU A 5 14.29 4.06 7.31
CA GLU A 5 14.75 3.46 8.55
C GLU A 5 13.88 2.25 8.89
N PHE A 6 14.45 1.32 9.64
CA PHE A 6 13.65 0.21 10.15
C PHE A 6 12.72 0.74 11.24
N THR A 7 11.56 0.12 11.31
CA THR A 7 10.54 0.52 12.28
C THR A 7 9.91 -0.75 12.79
N THR A 8 8.91 -0.60 13.66
CA THR A 8 8.14 -1.73 14.12
C THR A 8 6.68 -1.42 13.84
N ILE A 9 5.85 -2.44 13.94
CA ILE A 9 4.43 -2.32 13.60
C ILE A 9 3.72 -1.27 14.48
N GLU A 10 4.23 -1.02 15.69
CA GLU A 10 3.63 -0.03 16.62
C GLU A 10 3.62 1.37 16.05
N ASN A 11 4.61 1.69 15.22
CA ASN A 11 4.64 2.96 14.53
C ASN A 11 3.79 3.03 13.25
N GLN A 12 3.32 1.88 12.73
CA GLN A 12 2.41 1.85 11.58
C GLN A 12 1.37 0.76 11.77
N PRO A 13 0.54 0.86 12.83
CA PRO A 13 -0.29 -0.25 13.28
C PRO A 13 -1.46 -0.66 12.40
N TRP A 14 -1.70 0.11 11.36
CA TRP A 14 -2.68 -0.20 10.32
C TRP A 14 -2.04 -1.04 9.21
N PHE A 15 -0.74 -1.22 9.24
CA PHE A 15 -0.10 -2.01 8.18
C PHE A 15 -0.48 -3.50 8.20
N ALA A 16 -0.87 -4.00 7.03
CA ALA A 16 -1.32 -5.36 6.84
C ALA A 16 -0.33 -6.07 5.92
N ALA A 17 0.07 -7.27 6.31
CA ALA A 17 1.04 -8.04 5.52
C ALA A 17 0.30 -9.17 4.83
N ILE A 18 0.34 -9.19 3.49
CA ILE A 18 -0.47 -10.14 2.72
C ILE A 18 0.40 -11.17 2.01
N TYR A 19 0.04 -12.44 2.24
CA TYR A 19 0.81 -13.62 1.77
C TYR A 19 -0.09 -14.54 0.94
N ARG A 20 0.50 -15.32 0.06
CA ARG A 20 -0.25 -16.29 -0.72
C ARG A 20 0.25 -17.72 -0.52
N ARG A 21 -0.68 -18.63 -0.28
CA ARG A 21 -0.40 -20.05 -0.22
C ARG A 21 -0.14 -20.63 -1.60
N HIS A 22 0.90 -21.41 -1.70
CA HIS A 22 1.31 -21.94 -2.97
C HIS A 22 0.91 -23.37 -3.08
N ARG A 23 0.47 -23.76 -4.27
CA ARG A 23 0.00 -25.11 -4.44
C ARG A 23 1.20 -26.02 -4.08
N GLY A 24 0.97 -26.95 -3.17
CA GLY A 24 2.07 -27.62 -2.52
C GLY A 24 2.57 -26.99 -1.22
N GLY A 25 1.95 -25.89 -0.79
CA GLY A 25 2.14 -25.38 0.56
C GLY A 25 3.23 -24.41 1.01
N SER A 26 4.08 -23.91 0.12
CA SER A 26 4.93 -22.81 0.50
C SER A 26 4.07 -21.54 0.58
N VAL A 27 4.46 -20.59 1.41
CA VAL A 27 3.75 -19.34 1.53
C VAL A 27 4.72 -18.19 1.35
N THR A 28 4.42 -17.26 0.46
CA THR A 28 5.32 -16.16 0.21
C THR A 28 4.62 -14.86 0.22
N TYR A 29 5.37 -13.81 0.47
CA TYR A 29 4.81 -12.47 0.55
C TYR A 29 4.36 -11.92 -0.78
N VAL A 30 3.21 -11.26 -0.76
CA VAL A 30 2.58 -10.73 -1.96
C VAL A 30 2.68 -9.21 -1.92
N CYS A 31 2.03 -8.60 -0.94
CA CYS A 31 1.87 -7.16 -0.95
C CYS A 31 1.52 -6.65 0.45
N GLY A 32 1.64 -5.36 0.63
CA GLY A 32 1.14 -4.68 1.81
C GLY A 32 -0.29 -4.24 1.62
N GLY A 33 -0.88 -3.71 2.69
CA GLY A 33 -2.23 -3.15 2.67
C GLY A 33 -2.38 -2.31 3.95
N SER A 34 -3.57 -1.72 4.12
CA SER A 34 -3.87 -0.88 5.29
C SER A 34 -5.27 -1.19 5.84
N LEU A 35 -5.36 -1.31 7.16
CA LEU A 35 -6.60 -1.60 7.87
C LEU A 35 -7.43 -0.32 7.98
N ILE A 36 -8.52 -0.25 7.23
CA ILE A 36 -9.37 0.97 7.22
C ILE A 36 -10.63 0.84 8.07
N SER A 37 -10.93 -0.37 8.50
CA SER A 37 -11.97 -0.65 9.49
C SER A 37 -11.69 -2.05 10.02
N PRO A 38 -12.36 -2.48 11.10
CA PRO A 38 -12.04 -3.79 11.68
C PRO A 38 -12.09 -4.96 10.70
N CYS A 39 -13.03 -4.97 9.77
CA CYS A 39 -13.16 -6.10 8.87
C CYS A 39 -12.53 -5.90 7.49
N TRP A 40 -11.88 -4.76 7.25
CA TRP A 40 -11.49 -4.39 5.89
C TRP A 40 -10.08 -3.86 5.75
N VAL A 41 -9.35 -4.46 4.82
CA VAL A 41 -8.02 -4.03 4.39
C VAL A 41 -8.02 -3.54 2.95
N ILE A 42 -7.41 -2.39 2.73
CA ILE A 42 -7.27 -1.81 1.40
C ILE A 42 -5.84 -2.01 0.86
N SER A 43 -5.74 -2.34 -0.42
CA SER A 43 -4.48 -2.68 -1.08
C SER A 43 -4.59 -2.32 -2.57
N ALA A 44 -3.75 -2.93 -3.40
CA ALA A 44 -3.70 -2.60 -4.84
C ALA A 44 -4.17 -3.79 -5.65
N THR A 45 -5.03 -3.55 -6.64
CA THR A 45 -5.51 -4.65 -7.50
C THR A 45 -4.41 -5.46 -8.17
N HIS A 46 -3.34 -4.80 -8.62
CA HIS A 46 -2.36 -5.51 -9.43
C HIS A 46 -1.64 -6.62 -8.66
N CYS A 47 -1.67 -6.54 -7.35
CA CYS A 47 -1.09 -7.54 -6.50
C CYS A 47 -1.75 -8.88 -6.67
N PHE A 48 -3.03 -8.86 -6.97
CA PHE A 48 -3.84 -10.06 -6.95
C PHE A 48 -4.33 -10.54 -8.33
N ILE A 49 -4.13 -9.74 -9.34
CA ILE A 49 -4.82 -9.92 -10.60
C ILE A 49 -4.47 -11.24 -11.27
N ASP A 50 -3.22 -11.63 -11.14
CA ASP A 50 -2.77 -12.91 -11.61
C ASP A 50 -3.36 -14.12 -10.88
N TYR A 51 -3.71 -13.96 -9.61
CA TYR A 51 -4.26 -15.03 -8.78
C TYR A 51 -5.49 -14.60 -7.94
N PRO A 52 -6.69 -14.43 -8.64
CA PRO A 52 -7.77 -13.84 -7.86
C PRO A 52 -8.58 -14.71 -6.92
N LYS A 53 -8.14 -15.91 -6.62
CA LYS A 53 -8.81 -16.73 -5.65
C LYS A 53 -8.57 -16.25 -4.22
N LYS A 54 -9.61 -15.83 -3.54
CA LYS A 54 -9.45 -15.37 -2.18
C LYS A 54 -8.86 -16.45 -1.28
N GLU A 55 -9.10 -17.71 -1.60
CA GLU A 55 -8.72 -18.81 -0.72
C GLU A 55 -7.24 -18.98 -0.45
N ASP A 56 -6.43 -18.59 -1.40
CA ASP A 56 -4.99 -18.68 -1.31
C ASP A 56 -4.31 -17.66 -0.41
N TYR A 57 -5.02 -16.65 0.04
CA TYR A 57 -4.38 -15.53 0.72
C TYR A 57 -4.53 -15.59 2.24
N ILE A 58 -3.52 -15.08 2.91
CA ILE A 58 -3.51 -14.93 4.35
C ILE A 58 -3.12 -13.49 4.60
N VAL A 59 -3.81 -12.86 5.54
CA VAL A 59 -3.51 -11.49 5.96
C VAL A 59 -3.10 -11.49 7.44
N TYR A 60 -1.98 -10.84 7.71
CA TYR A 60 -1.51 -10.64 9.10
C TYR A 60 -1.61 -9.17 9.44
N LEU A 61 -2.06 -8.89 10.66
CA LEU A 61 -1.97 -7.58 11.25
C LEU A 61 -1.05 -7.67 12.46
N GLY A 62 -0.48 -6.55 12.91
CA GLY A 62 0.38 -6.53 14.09
C GLY A 62 1.72 -7.24 13.86
N ARG A 63 2.12 -7.36 12.61
CA ARG A 63 3.31 -8.13 12.23
C ARG A 63 4.42 -7.18 11.82
N SER A 64 5.58 -7.27 12.50
CA SER A 64 6.72 -6.39 12.25
C SER A 64 7.81 -7.09 11.43
N ARG A 65 7.73 -8.42 11.33
CA ARG A 65 8.71 -9.17 10.53
C ARG A 65 8.10 -9.97 9.40
N LEU A 66 8.90 -10.18 8.36
CA LEU A 66 8.41 -10.76 7.11
C LEU A 66 8.22 -12.27 7.22
N ASN A 67 9.23 -12.98 7.74
CA ASN A 67 9.21 -14.43 7.72
C ASN A 67 9.35 -15.07 9.10
N SER A 68 9.08 -14.30 10.15
CA SER A 68 9.00 -14.82 11.50
C SER A 68 7.86 -14.14 12.29
N ASN A 69 7.49 -14.75 13.42
CA ASN A 69 6.31 -14.32 14.16
C ASN A 69 6.61 -13.10 15.05
N THR A 70 5.67 -12.14 15.11
CA THR A 70 5.71 -11.03 16.05
C THR A 70 4.68 -11.25 17.14
N GLN A 71 5.09 -11.00 18.38
CA GLN A 71 4.18 -11.05 19.52
C GLN A 71 3.01 -10.06 19.33
N GLY A 72 1.79 -10.56 19.39
CA GLY A 72 0.58 -9.72 19.24
C GLY A 72 0.03 -9.69 17.81
N GLU A 73 0.67 -10.41 16.90
CA GLU A 73 0.19 -10.48 15.53
C GLU A 73 -1.12 -11.24 15.49
N MET A 74 -1.91 -11.03 14.44
CA MET A 74 -3.17 -11.75 14.27
C MET A 74 -3.34 -12.16 12.83
N LYS A 75 -3.78 -13.40 12.65
CA LYS A 75 -3.86 -14.04 11.35
C LYS A 75 -5.31 -14.11 10.87
N PHE A 76 -5.54 -13.75 9.61
CA PHE A 76 -6.89 -13.73 9.02
C PHE A 76 -6.96 -14.39 7.65
N GLU A 77 -8.12 -15.00 7.38
CA GLU A 77 -8.47 -15.45 6.05
C GLU A 77 -9.12 -14.30 5.30
N VAL A 78 -9.23 -14.44 3.98
CA VAL A 78 -9.89 -13.44 3.17
C VAL A 78 -11.30 -13.94 2.83
N GLU A 79 -12.30 -13.30 3.44
CA GLU A 79 -13.71 -13.61 3.20
C GLU A 79 -14.19 -13.10 1.85
N ASN A 80 -13.63 -11.99 1.40
CA ASN A 80 -14.04 -11.32 0.18
C ASN A 80 -12.83 -10.62 -0.46
N LEU A 81 -12.49 -11.00 -1.68
CA LEU A 81 -11.39 -10.33 -2.39
C LEU A 81 -11.95 -9.50 -3.53
N ILE A 82 -11.93 -8.18 -3.36
CA ILE A 82 -12.63 -7.28 -4.26
C ILE A 82 -11.61 -6.52 -5.07
N LEU A 83 -11.49 -6.86 -6.35
CA LEU A 83 -10.60 -6.16 -7.26
C LEU A 83 -11.40 -5.13 -8.04
N HIS A 84 -10.73 -4.09 -8.52
CA HIS A 84 -11.42 -3.06 -9.29
C HIS A 84 -11.68 -3.56 -10.71
N LYS A 85 -12.96 -3.58 -11.12
CA LYS A 85 -13.35 -4.15 -12.42
C LYS A 85 -12.77 -3.37 -13.62
N ASP A 86 -12.44 -2.10 -13.39
CA ASP A 86 -11.81 -1.25 -14.38
C ASP A 86 -10.30 -1.07 -14.23
N TYR A 87 -9.66 -2.00 -13.52
CA TYR A 87 -8.20 -2.04 -13.48
C TYR A 87 -7.62 -2.27 -14.87
N SER A 88 -6.64 -1.47 -15.21
CA SER A 88 -5.84 -1.73 -16.39
C SER A 88 -4.43 -1.24 -16.28
N ALA A 89 -3.55 -1.83 -17.06
CA ALA A 89 -2.18 -1.38 -17.12
C ALA A 89 -1.83 -0.92 -18.53
N ASP A 90 -1.21 0.24 -18.65
CA ASP A 90 -0.72 0.82 -19.88
C ASP A 90 0.77 0.58 -19.87
N THR A 91 1.55 1.37 -20.61
CA THR A 91 2.99 1.17 -20.66
C THR A 91 3.66 1.33 -19.30
N LEU A 92 3.26 2.33 -18.55
CA LEU A 92 3.72 2.52 -17.18
C LEU A 92 2.58 2.51 -16.18
N ALA A 93 1.53 3.24 -16.48
CA ALA A 93 0.46 3.46 -15.57
C ALA A 93 -0.30 2.21 -15.20
N HIS A 94 -0.73 2.14 -13.96
CA HIS A 94 -1.74 1.22 -13.53
C HIS A 94 -2.89 2.06 -13.08
N HIS A 95 -4.04 1.84 -13.70
CA HIS A 95 -5.23 2.64 -13.45
C HIS A 95 -6.14 1.88 -12.54
N ASN A 96 -6.87 2.61 -11.71
CA ASN A 96 -7.83 2.04 -10.77
C ASN A 96 -7.19 0.92 -9.94
N ASP A 97 -5.95 1.15 -9.53
CA ASP A 97 -5.15 0.13 -8.83
C ASP A 97 -5.49 0.17 -7.34
N ILE A 98 -6.63 -0.44 -7.02
CA ILE A 98 -7.18 -0.41 -5.67
C ILE A 98 -7.97 -1.70 -5.48
N ALA A 99 -7.84 -2.28 -4.30
CA ALA A 99 -8.48 -3.55 -3.97
C ALA A 99 -8.91 -3.53 -2.52
N LEU A 100 -9.93 -4.31 -2.22
CA LEU A 100 -10.38 -4.52 -0.86
C LEU A 100 -10.38 -5.97 -0.48
N LEU A 101 -9.96 -6.25 0.76
CA LEU A 101 -9.97 -7.57 1.34
C LEU A 101 -10.82 -7.52 2.58
N LYS A 102 -11.90 -8.29 2.59
CA LYS A 102 -12.65 -8.51 3.82
C LYS A 102 -11.99 -9.65 4.60
N ILE A 103 -11.62 -9.37 5.84
CA ILE A 103 -10.85 -10.32 6.64
C ILE A 103 -11.70 -10.93 7.76
N ARG A 104 -11.43 -12.18 8.07
CA ARG A 104 -11.93 -12.74 9.30
C ARG A 104 -11.11 -13.90 9.81
N SER A 105 -11.05 -14.04 11.12
CA SER A 105 -10.28 -15.10 11.70
C SER A 105 -11.00 -16.43 11.50
N LYS A 106 -10.30 -17.54 11.69
CA LYS A 106 -10.94 -18.85 11.54
C LYS A 106 -12.03 -18.98 12.59
N GLU A 107 -11.86 -18.25 13.66
CA GLU A 107 -12.84 -18.11 14.69
C GLU A 107 -14.04 -17.19 14.32
N GLY A 108 -14.00 -16.53 13.16
CA GLY A 108 -15.04 -15.62 12.72
C GLY A 108 -14.98 -14.17 13.20
N ARG A 109 -13.88 -13.76 13.83
CA ARG A 109 -13.68 -12.38 14.30
C ARG A 109 -13.00 -11.49 13.26
N CYS A 110 -13.19 -10.18 13.39
CA CYS A 110 -12.48 -9.18 12.60
C CYS A 110 -11.39 -8.60 13.50
N ALA A 111 -10.68 -7.58 13.07
CA ALA A 111 -9.55 -7.05 13.86
C ALA A 111 -10.02 -6.36 15.16
N GLN A 112 -9.23 -6.52 16.22
CA GLN A 112 -9.45 -5.80 17.47
C GLN A 112 -8.23 -4.94 17.77
N PRO A 113 -8.42 -3.60 17.87
CA PRO A 113 -7.33 -2.68 18.20
C PRO A 113 -6.51 -3.07 19.43
N SER A 114 -5.22 -2.79 19.34
CA SER A 114 -4.26 -3.12 20.38
C SER A 114 -3.05 -2.20 20.21
N ARG A 115 -2.03 -2.45 21.00
CA ARG A 115 -0.77 -1.74 20.89
C ARG A 115 -0.21 -1.84 19.47
N THR A 116 -0.48 -2.95 18.79
CA THR A 116 0.14 -3.23 17.48
C THR A 116 -0.84 -3.21 16.30
N ILE A 117 -2.13 -2.96 16.56
CA ILE A 117 -3.15 -3.01 15.52
C ILE A 117 -4.10 -1.84 15.72
N GLN A 118 -4.27 -1.03 14.69
CA GLN A 118 -5.21 0.10 14.72
C GLN A 118 -5.67 0.36 13.31
N THR A 119 -6.88 0.92 13.15
CA THR A 119 -7.34 1.34 11.84
C THR A 119 -6.70 2.67 11.49
N ILE A 120 -6.70 3.01 10.20
CA ILE A 120 -6.25 4.31 9.72
C ILE A 120 -7.45 5.04 9.12
N ALA A 121 -7.52 6.34 9.34
CA ALA A 121 -8.63 7.15 8.78
C ALA A 121 -8.57 7.27 7.27
N LEU A 122 -9.74 7.27 6.63
CA LEU A 122 -9.86 7.67 5.24
C LEU A 122 -10.04 9.18 5.17
N PRO A 123 -9.58 9.80 4.07
CA PRO A 123 -9.73 11.23 3.90
C PRO A 123 -11.15 11.51 3.45
N SER A 124 -11.59 12.76 3.55
CA SER A 124 -12.90 13.10 2.99
C SER A 124 -12.78 13.21 1.47
N MET A 125 -13.92 13.09 0.81
CA MET A 125 -13.98 13.09 -0.64
C MET A 125 -13.15 14.26 -1.19
N TYR A 126 -12.19 13.95 -2.06
CA TYR A 126 -11.31 14.95 -2.69
C TYR A 126 -10.47 15.79 -1.73
N ASN A 127 -10.31 15.35 -0.48
CA ASN A 127 -9.49 16.09 0.47
C ASN A 127 -8.09 15.47 0.57
N ASP A 128 -7.12 16.14 -0.06
CA ASP A 128 -5.72 15.75 -0.02
C ASP A 128 -4.93 16.84 0.69
N PRO A 129 -3.67 16.52 1.07
CA PRO A 129 -2.81 17.59 1.60
C PRO A 129 -2.23 18.40 0.45
N GLN A 130 -1.70 19.59 0.76
CA GLN A 130 -1.04 20.42 -0.24
C GLN A 130 0.22 19.75 -0.74
N PHE A 131 0.50 19.94 -2.03
CA PHE A 131 1.78 19.59 -2.65
C PHE A 131 2.93 20.15 -1.79
N GLY A 132 4.05 19.42 -1.74
CA GLY A 132 5.16 19.78 -0.84
C GLY A 132 5.03 19.27 0.59
N THR A 133 3.88 18.68 0.92
CA THR A 133 3.64 18.08 2.22
C THR A 133 4.43 16.78 2.36
N SER A 134 5.05 16.59 3.52
CA SER A 134 5.76 15.35 3.85
C SER A 134 4.78 14.26 4.30
N CYS A 135 4.88 13.09 3.69
CA CYS A 135 4.07 11.93 4.09
C CYS A 135 5.01 10.74 4.36
N GLU A 136 4.48 9.69 4.96
CA GLU A 136 5.28 8.49 5.19
C GLU A 136 4.72 7.27 4.47
N ILE A 137 5.63 6.39 4.04
CA ILE A 137 5.29 5.16 3.38
C ILE A 137 5.97 4.04 4.15
N THR A 138 5.41 2.85 4.08
CA THR A 138 5.88 1.72 4.87
C THR A 138 5.76 0.44 4.08
N GLY A 139 6.67 -0.49 4.30
CA GLY A 139 6.55 -1.76 3.65
C GLY A 139 7.73 -2.69 3.89
N PHE A 140 7.60 -3.88 3.32
CA PHE A 140 8.63 -4.93 3.31
C PHE A 140 9.31 -5.04 1.94
N GLY A 141 9.15 -4.01 1.10
CA GLY A 141 9.70 -4.02 -0.27
C GLY A 141 11.21 -3.94 -0.26
N LYS A 142 11.82 -4.11 -1.43
CA LYS A 142 13.28 -4.13 -1.54
C LYS A 142 13.94 -2.87 -1.00
N GLU A 143 15.14 -3.03 -0.43
CA GLU A 143 15.94 -1.92 0.06
C GLU A 143 16.82 -1.33 -1.07
N GLN A 144 17.05 -2.12 -2.12
CA GLN A 144 17.75 -1.67 -3.33
C GLN A 144 17.05 -2.34 -4.51
N SER A 145 16.80 -1.59 -5.57
CA SER A 145 16.05 -2.09 -6.73
C SER A 145 16.67 -3.35 -7.33
N THR A 146 17.99 -3.51 -7.16
CA THR A 146 18.71 -4.67 -7.67
C THR A 146 18.71 -5.90 -6.74
N ASP A 147 18.28 -5.75 -5.48
CA ASP A 147 18.23 -6.88 -4.54
C ASP A 147 17.32 -8.00 -5.03
N TYR A 148 17.56 -9.20 -4.50
CA TYR A 148 16.69 -10.36 -4.72
C TYR A 148 15.95 -10.82 -3.46
N LEU A 149 16.28 -10.23 -2.33
CA LEU A 149 15.63 -10.60 -1.07
C LEU A 149 14.85 -9.39 -0.61
N TYR A 150 13.87 -9.61 0.24
CA TYR A 150 13.19 -8.52 0.92
C TYR A 150 13.79 -8.41 2.31
N PRO A 151 13.73 -7.22 2.91
CA PRO A 151 14.18 -7.07 4.28
C PRO A 151 13.26 -7.87 5.19
N GLU A 152 13.79 -8.35 6.29
CA GLU A 152 13.05 -9.16 7.24
C GLU A 152 12.30 -8.31 8.26
N GLN A 153 12.61 -7.02 8.32
CA GLN A 153 12.02 -6.12 9.30
C GLN A 153 11.30 -5.02 8.54
N LEU A 154 10.13 -4.64 9.03
CA LEU A 154 9.37 -3.55 8.40
C LEU A 154 10.20 -2.25 8.30
N LYS A 155 10.05 -1.54 7.19
CA LYS A 155 10.71 -0.26 6.99
C LYS A 155 9.71 0.87 6.73
N MET A 156 10.16 2.08 6.94
CA MET A 156 9.38 3.23 6.50
C MET A 156 10.27 4.44 6.20
N THR A 157 9.73 5.40 5.48
CA THR A 157 10.49 6.56 5.09
C THR A 157 9.53 7.70 4.84
N VAL A 158 10.08 8.90 4.67
CA VAL A 158 9.32 10.08 4.39
C VAL A 158 9.61 10.57 2.97
N VAL A 159 8.52 10.88 2.27
CA VAL A 159 8.58 11.45 0.92
C VAL A 159 7.67 12.67 0.90
N LYS A 160 7.86 13.52 -0.10
CA LYS A 160 7.07 14.73 -0.26
C LYS A 160 6.12 14.62 -1.45
N LEU A 161 4.88 15.04 -1.27
CA LEU A 161 3.91 15.08 -2.36
C LEU A 161 4.35 16.05 -3.47
N ILE A 162 4.29 15.57 -4.71
CA ILE A 162 4.68 16.33 -5.90
C ILE A 162 3.42 16.81 -6.64
N SER A 163 3.46 18.01 -7.21
CA SER A 163 2.33 18.51 -7.99
C SER A 163 2.13 17.68 -9.25
N HIS A 164 0.88 17.59 -9.70
CA HIS A 164 0.60 16.94 -10.97
C HIS A 164 1.31 17.64 -12.12
N ARG A 165 1.37 18.96 -12.07
CA ARG A 165 2.12 19.74 -13.06
C ARG A 165 3.56 19.24 -13.16
N GLU A 166 4.21 19.04 -12.03
CA GLU A 166 5.58 18.53 -12.01
C GLU A 166 5.66 17.08 -12.49
N CYS A 167 4.76 16.22 -12.01
CA CYS A 167 4.86 14.79 -12.33
C CYS A 167 4.54 14.47 -13.79
N GLN A 168 3.78 15.34 -14.42
CA GLN A 168 3.38 15.15 -15.80
C GLN A 168 4.34 15.75 -16.83
N GLN A 169 5.46 16.29 -16.39
CA GLN A 169 6.44 16.77 -17.32
C GLN A 169 6.89 15.61 -18.09
N PRO A 170 7.33 15.88 -19.41
CA PRO A 170 7.69 14.67 -20.16
C PRO A 170 8.90 13.88 -19.65
N HIS A 171 9.82 14.51 -18.93
CA HIS A 171 10.98 13.84 -18.41
C HIS A 171 10.73 13.15 -17.06
N TYR A 172 9.53 13.33 -16.53
CA TYR A 172 9.03 12.53 -15.44
C TYR A 172 8.16 11.44 -16.04
N TYR A 173 6.84 11.55 -15.92
CA TYR A 173 5.92 10.54 -16.46
C TYR A 173 4.90 10.92 -17.55
N GLY A 174 4.74 12.19 -17.85
CA GLY A 174 3.80 12.61 -18.87
C GLY A 174 2.38 12.28 -18.57
N SER A 175 1.61 11.74 -19.52
CA SER A 175 0.18 11.51 -19.28
C SER A 175 -0.10 10.20 -18.57
N GLU A 176 0.95 9.40 -18.35
CA GLU A 176 0.82 8.17 -17.59
C GLU A 176 0.30 8.39 -16.17
N VAL A 177 0.48 9.59 -15.62
CA VAL A 177 -0.12 9.93 -14.33
C VAL A 177 -1.40 10.75 -14.55
N THR A 178 -2.50 10.25 -14.00
CA THR A 178 -3.81 10.87 -14.13
C THR A 178 -4.15 11.56 -12.83
N THR A 179 -5.30 12.23 -12.78
CA THR A 179 -5.76 12.89 -11.56
C THR A 179 -6.22 11.89 -10.48
N LYS A 180 -6.34 10.62 -10.83
CA LYS A 180 -6.67 9.57 -9.85
C LYS A 180 -5.40 8.93 -9.26
N MET A 181 -4.28 9.60 -9.45
CA MET A 181 -3.01 9.21 -8.86
C MET A 181 -2.36 10.41 -8.17
N LEU A 182 -1.44 10.13 -7.24
CA LEU A 182 -0.59 11.14 -6.62
C LEU A 182 0.85 10.71 -6.80
N CYS A 183 1.74 11.66 -7.06
CA CYS A 183 3.17 11.38 -7.10
C CYS A 183 3.83 11.82 -5.79
N ALA A 184 4.85 11.11 -5.35
CA ALA A 184 5.59 11.51 -4.17
C ALA A 184 7.04 11.04 -4.26
N ALA A 185 7.95 11.87 -3.79
CA ALA A 185 9.34 11.52 -3.80
C ALA A 185 10.17 12.36 -2.85
N ASP A 186 11.40 11.95 -2.65
CA ASP A 186 12.40 12.72 -1.95
C ASP A 186 12.92 13.83 -2.85
N PRO A 187 13.10 15.09 -2.26
CA PRO A 187 13.58 16.13 -3.20
C PRO A 187 14.94 15.84 -3.79
N GLN A 188 15.81 15.11 -3.10
CA GLN A 188 17.10 14.71 -3.64
C GLN A 188 17.11 13.30 -4.19
N TRP A 189 15.94 12.69 -4.26
CA TRP A 189 15.78 11.39 -4.89
C TRP A 189 16.54 10.25 -4.21
N LYS A 190 16.63 10.26 -2.90
CA LYS A 190 17.46 9.30 -2.15
C LYS A 190 16.65 8.24 -1.42
N THR A 191 15.32 8.40 -1.35
CA THR A 191 14.46 7.39 -0.74
C THR A 191 13.13 7.27 -1.50
N ASP A 192 12.53 6.07 -1.46
CA ASP A 192 11.40 5.74 -2.35
C ASP A 192 10.79 4.37 -2.01
N SER A 193 9.57 4.13 -2.46
CA SER A 193 8.99 2.78 -2.50
C SER A 193 9.70 1.97 -3.59
N CYS A 194 9.57 0.66 -3.53
CA CYS A 194 10.24 -0.24 -4.50
C CYS A 194 9.46 -1.55 -4.58
N GLN A 195 9.94 -2.50 -5.38
CA GLN A 195 9.20 -3.74 -5.59
C GLN A 195 8.94 -4.42 -4.26
N GLY A 196 7.69 -4.84 -4.04
CA GLY A 196 7.28 -5.45 -2.78
C GLY A 196 6.60 -4.47 -1.81
N ASP A 197 6.63 -3.18 -2.13
CA ASP A 197 5.92 -2.20 -1.30
C ASP A 197 4.50 -1.96 -1.80
N SER A 198 4.12 -2.52 -2.94
CA SER A 198 2.78 -2.31 -3.42
C SER A 198 1.66 -2.68 -2.45
N GLY A 199 0.61 -1.86 -2.55
CA GLY A 199 -0.55 -2.03 -1.74
C GLY A 199 -0.39 -1.28 -0.45
N GLY A 200 0.85 -0.95 -0.08
CA GLY A 200 1.11 -0.23 1.17
C GLY A 200 0.64 1.23 1.26
N PRO A 201 0.56 1.75 2.50
CA PRO A 201 0.00 3.06 2.69
C PRO A 201 0.98 4.22 2.45
N LEU A 202 0.45 5.28 1.86
CA LEU A 202 1.04 6.62 1.90
C LEU A 202 0.21 7.46 2.89
N VAL A 203 0.80 7.78 4.04
CA VAL A 203 0.08 8.38 5.19
C VAL A 203 0.48 9.83 5.42
N CYS A 204 -0.51 10.72 5.51
CA CYS A 204 -0.26 12.15 5.71
C CYS A 204 -1.16 12.65 6.86
N SER A 205 -0.73 13.68 7.56
CA SER A 205 -1.57 14.27 8.60
C SER A 205 -2.61 15.16 7.94
N LEU A 206 -3.88 14.95 8.32
CA LEU A 206 -4.98 15.72 7.73
C LEU A 206 -6.09 15.86 8.77
N GLN A 207 -6.45 17.12 9.07
CA GLN A 207 -7.38 17.44 10.17
C GLN A 207 -6.99 16.78 11.51
N GLY A 208 -5.69 16.75 11.78
CA GLY A 208 -5.17 16.33 13.09
C GLY A 208 -5.11 14.84 13.37
N ARG A 209 -5.28 14.03 12.33
CA ARG A 209 -5.19 12.57 12.46
C ARG A 209 -4.41 12.02 11.26
N MET A 210 -3.75 10.87 11.46
CA MET A 210 -3.04 10.21 10.36
C MET A 210 -4.11 9.66 9.39
N THR A 211 -3.93 9.94 8.10
CA THR A 211 -4.93 9.61 7.07
C THR A 211 -4.30 8.90 5.86
N LEU A 212 -4.99 7.90 5.34
CA LEU A 212 -4.54 7.14 4.15
C LEU A 212 -4.76 7.94 2.90
N THR A 213 -3.70 8.59 2.43
CA THR A 213 -3.82 9.48 1.28
C THR A 213 -3.57 8.75 -0.03
N GLY A 214 -2.69 7.75 -0.01
CA GLY A 214 -2.40 6.97 -1.18
C GLY A 214 -2.05 5.51 -0.91
N ILE A 215 -2.04 4.72 -2.00
CA ILE A 215 -1.70 3.31 -2.00
C ILE A 215 -0.56 3.12 -3.00
N VAL A 216 0.53 2.52 -2.54
CA VAL A 216 1.73 2.32 -3.35
C VAL A 216 1.34 1.51 -4.58
N SER A 217 1.64 2.06 -5.76
CA SER A 217 1.17 1.46 -7.02
C SER A 217 2.31 1.15 -7.98
N TRP A 218 3.01 2.16 -8.48
CA TRP A 218 3.94 1.95 -9.57
C TRP A 218 4.98 3.04 -9.68
N GLY A 219 5.96 2.79 -10.52
CA GLY A 219 6.99 3.77 -10.83
C GLY A 219 8.12 3.19 -11.64
N ARG A 220 8.93 4.05 -12.23
CA ARG A 220 10.03 3.60 -13.04
C ARG A 220 11.24 3.51 -12.18
N GLY A 221 11.76 2.32 -11.98
CA GLY A 221 12.91 2.10 -11.14
C GLY A 221 12.56 2.32 -9.66
N CYS A 222 13.55 2.38 -8.79
CA CYS A 222 13.38 2.90 -7.43
C CYS A 222 14.41 3.97 -7.06
N ALA A 223 13.95 5.14 -6.60
CA ALA A 223 14.83 6.22 -6.16
C ALA A 223 15.75 6.68 -7.30
N LEU A 224 15.17 6.91 -8.46
CA LEU A 224 15.88 7.43 -9.61
C LEU A 224 15.47 8.86 -9.81
N LYS A 225 16.36 9.68 -10.34
CA LYS A 225 16.07 11.09 -10.55
C LYS A 225 14.93 11.25 -11.54
N ASP A 226 13.99 12.10 -11.21
CA ASP A 226 12.88 12.48 -12.05
C ASP A 226 11.86 11.35 -12.24
N LYS A 227 11.95 10.30 -11.42
CA LYS A 227 11.01 9.19 -11.49
C LYS A 227 10.37 8.88 -10.13
N PRO A 228 9.41 9.68 -9.71
CA PRO A 228 8.83 9.53 -8.37
C PRO A 228 7.96 8.27 -8.22
N GLY A 229 7.60 7.95 -6.98
CA GLY A 229 6.63 6.88 -6.73
C GLY A 229 5.27 7.39 -7.16
N VAL A 230 4.44 6.50 -7.73
CA VAL A 230 3.07 6.84 -8.04
C VAL A 230 2.15 5.99 -7.19
N TYR A 231 1.10 6.64 -6.70
CA TYR A 231 0.21 6.12 -5.70
C TYR A 231 -1.21 6.30 -6.17
N THR A 232 -2.06 5.33 -5.89
CA THR A 232 -3.49 5.50 -6.13
C THR A 232 -4.04 6.56 -5.17
N ARG A 233 -4.80 7.51 -5.70
CA ARG A 233 -5.26 8.67 -4.94
C ARG A 233 -6.55 8.35 -4.22
N VAL A 234 -6.44 8.01 -2.94
CA VAL A 234 -7.55 7.40 -2.19
C VAL A 234 -8.79 8.31 -2.13
N SER A 235 -8.56 9.61 -1.98
CA SER A 235 -9.66 10.56 -1.81
C SER A 235 -10.56 10.63 -3.07
N HIS A 236 -10.08 10.12 -4.20
CA HIS A 236 -10.91 10.03 -5.42
C HIS A 236 -11.64 8.70 -5.57
N PHE A 237 -11.57 7.81 -4.57
CA PHE A 237 -12.15 6.47 -4.68
C PHE A 237 -13.14 6.17 -3.56
N LEU A 238 -13.60 7.20 -2.85
CA LEU A 238 -14.48 6.96 -1.69
C LEU A 238 -15.79 6.25 -2.03
N PRO A 239 -16.46 6.66 -3.12
CA PRO A 239 -17.72 5.97 -3.45
C PRO A 239 -17.50 4.48 -3.72
N TRP A 240 -16.44 4.16 -4.45
CA TRP A 240 -16.05 2.76 -4.71
C TRP A 240 -15.81 2.04 -3.39
N ILE A 241 -15.01 2.62 -2.50
CA ILE A 241 -14.75 2.02 -1.20
C ILE A 241 -16.04 1.85 -0.39
N ARG A 242 -16.84 2.91 -0.29
CA ARG A 242 -18.09 2.87 0.49
C ARG A 242 -19.05 1.82 -0.06
N SER A 243 -19.21 1.80 -1.38
CA SER A 243 -20.12 0.86 -2.05
C SER A 243 -19.70 -0.57 -1.80
N HIS A 244 -18.41 -0.84 -1.93
CA HIS A 244 -17.87 -2.19 -1.77
C HIS A 244 -17.63 -2.59 -0.32
N THR A 245 -17.74 -1.65 0.62
CA THR A 245 -17.76 -1.95 2.04
C THR A 245 -19.16 -2.01 2.73
N LYS A 246 -20.25 -1.75 1.99
CA LYS A 246 -21.64 -1.88 2.47
C LYS A 246 -22.12 -3.31 2.52
N GLU A 247 -23.22 -3.57 3.21
CA GLU A 247 -23.87 -4.88 3.17
C GLU A 247 -24.94 -4.93 2.07
N GLU A 248 -26.09 -4.28 2.26
N CYS B 1 8.48 -3.84 -16.27
CA CYS B 1 7.30 -3.73 -15.41
C CYS B 1 7.41 -2.55 -14.47
N SER B 2 6.33 -1.79 -14.32
CA SER B 2 6.30 -0.65 -13.45
C SER B 2 5.67 -1.02 -12.12
N ALA B 3 4.99 -2.14 -12.07
CA ALA B 3 4.18 -2.59 -10.93
C ALA B 3 5.03 -2.97 -9.74
#